data_2EYU
#
_entry.id   2EYU
#
_cell.length_a   89.150
_cell.length_b   89.150
_cell.length_c   70.590
_cell.angle_alpha   90.00
_cell.angle_beta   90.00
_cell.angle_gamma   90.00
#
_symmetry.space_group_name_H-M   'P 41'
#
loop_
_entity.id
_entity.type
_entity.pdbx_description
1 polymer 'twitching motility protein PilT'
2 non-polymer 'SULFATE ION'
3 water water
#
_entity_poly.entity_id   1
_entity_poly.type   'polypeptide(L)'
_entity_poly.pdbx_seq_one_letter_code
;(MSE)PAEIPEFKKLGLPDKVLELCHRK(MSE)GLILVTGPTGSGKSTTIAS(MSE)IDYINQTKSYHIITIEDPIEYVF
KHKKSIVNQREVGEDTKSFADALRAALREDPDVIFVGE(MSE)RDLETVETALRAAETGHLVFGTLHTNTAIDTIHRIVD
IFPLNQQEQVRIVLSFILQGIISQRLLPKIGGGRVLAYGLLIPNTAIRNLIRENKLQQVYSL(MSE)QSGQAETG(MSE)
QT(MSE)NQTLYKLYKQGLITLEDA(MSE)EASPDPKELER(MSE)IRGGRHHHHHH
;
_entity_poly.pdbx_strand_id   A,B
#
# COMPACT_ATOMS: atom_id res chain seq x y z
N PRO A 6 -17.71 -1.77 2.04
CA PRO A 6 -18.55 -1.40 3.18
C PRO A 6 -19.66 -0.42 2.81
N GLU A 7 -20.81 -0.63 3.42
CA GLU A 7 -21.99 0.21 3.27
C GLU A 7 -21.72 1.60 3.77
N PHE A 8 -22.07 2.66 3.03
CA PHE A 8 -21.71 3.99 3.51
C PHE A 8 -22.29 4.33 4.88
N LYS A 9 -23.34 3.61 5.29
CA LYS A 9 -23.99 3.83 6.57
C LYS A 9 -23.16 3.28 7.71
N LYS A 10 -22.25 2.37 7.42
CA LYS A 10 -21.35 1.83 8.43
C LYS A 10 -20.11 2.70 8.60
N LEU A 11 -19.96 3.73 7.78
CA LEU A 11 -18.72 4.51 7.75
C LEU A 11 -18.57 5.42 8.96
N GLY A 12 -19.67 5.92 9.53
CA GLY A 12 -19.47 6.82 10.68
C GLY A 12 -19.33 8.26 10.18
N LEU A 13 -19.65 8.45 8.90
CA LEU A 13 -19.67 9.74 8.25
C LEU A 13 -21.13 10.16 8.08
N PRO A 14 -21.43 11.44 8.12
CA PRO A 14 -22.83 11.88 8.03
C PRO A 14 -23.29 12.01 6.57
N ASP A 15 -24.61 11.86 6.43
CA ASP A 15 -25.40 11.86 5.23
C ASP A 15 -24.98 12.90 4.21
N LYS A 16 -24.69 14.13 4.60
CA LYS A 16 -24.42 15.12 3.57
C LYS A 16 -23.20 14.78 2.70
N VAL A 17 -22.32 13.91 3.15
CA VAL A 17 -21.15 13.55 2.34
C VAL A 17 -21.59 12.77 1.11
N LEU A 18 -22.54 11.88 1.31
CA LEU A 18 -23.12 11.12 0.20
C LEU A 18 -23.93 11.99 -0.75
N GLU A 19 -24.43 13.14 -0.31
CA GLU A 19 -25.16 13.99 -1.27
C GLU A 19 -24.24 14.51 -2.37
N LEU A 20 -22.96 14.52 -2.01
CA LEU A 20 -21.91 14.96 -2.91
C LEU A 20 -21.90 14.10 -4.16
N CYS A 21 -22.20 12.81 -3.97
CA CYS A 21 -22.22 11.95 -5.13
C CYS A 21 -23.34 12.34 -6.11
N HIS A 22 -24.29 13.16 -5.67
CA HIS A 22 -25.33 13.57 -6.63
C HIS A 22 -24.89 14.81 -7.37
N ARG A 23 -23.68 15.31 -7.08
CA ARG A 23 -23.23 16.47 -7.87
C ARG A 23 -22.86 16.01 -9.27
N LYS A 24 -23.08 16.84 -10.30
CA LYS A 24 -22.85 16.50 -11.68
C LYS A 24 -21.46 16.83 -12.19
N GLY A 26 -17.18 18.59 -10.81
CA GLY A 26 -16.48 19.21 -9.71
C GLY A 26 -15.63 18.21 -8.95
N LEU A 27 -14.91 18.71 -7.95
CA LEU A 27 -13.90 17.87 -7.31
C LEU A 27 -14.22 17.46 -5.88
N ILE A 28 -14.10 16.17 -5.60
CA ILE A 28 -14.31 15.65 -4.24
C ILE A 28 -12.98 15.07 -3.75
N LEU A 29 -12.46 15.50 -2.61
CA LEU A 29 -11.18 14.98 -2.16
C LEU A 29 -11.31 14.23 -0.84
N VAL A 30 -10.64 13.08 -0.72
CA VAL A 30 -10.73 12.37 0.57
C VAL A 30 -9.30 12.16 1.04
N THR A 31 -8.95 12.65 2.23
CA THR A 31 -7.51 12.65 2.56
C THR A 31 -7.22 12.09 3.94
N GLY A 32 -5.93 11.91 4.20
CA GLY A 32 -5.43 11.43 5.46
C GLY A 32 -4.13 10.65 5.34
N PRO A 33 -3.52 10.37 6.49
CA PRO A 33 -2.22 9.70 6.49
C PRO A 33 -2.26 8.27 6.00
N THR A 34 -1.17 7.55 6.25
CA THR A 34 -1.10 6.16 5.83
C THR A 34 -2.14 5.32 6.54
N GLY A 35 -2.82 4.40 5.88
CA GLY A 35 -3.83 3.61 6.54
C GLY A 35 -4.93 4.39 7.23
N SER A 36 -5.37 5.51 6.68
CA SER A 36 -6.40 6.39 7.19
C SER A 36 -7.81 5.93 6.85
N GLY A 37 -7.90 4.92 5.99
CA GLY A 37 -9.17 4.39 5.53
C GLY A 37 -9.76 5.18 4.37
N LYS A 38 -8.96 6.03 3.75
CA LYS A 38 -9.52 6.93 2.73
C LYS A 38 -9.96 6.20 1.47
N SER A 39 -9.26 5.17 1.05
CA SER A 39 -9.71 4.38 -0.09
C SER A 39 -11.05 3.72 0.21
N THR A 40 -11.26 3.28 1.45
CA THR A 40 -12.49 2.63 1.86
C THR A 40 -13.67 3.60 1.80
N THR A 41 -13.43 4.87 2.15
CA THR A 41 -14.51 5.86 2.04
C THR A 41 -14.86 6.09 0.57
N ILE A 42 -13.87 6.44 -0.21
CA ILE A 42 -13.99 6.56 -1.65
C ILE A 42 -14.76 5.43 -2.29
N ALA A 43 -14.39 4.20 -1.89
CA ALA A 43 -14.98 3.02 -2.53
C ALA A 43 -16.44 2.87 -2.13
N SER A 44 -16.75 3.18 -0.88
CA SER A 44 -18.13 3.11 -0.41
C SER A 44 -18.99 4.16 -1.12
N ILE A 46 -18.28 5.62 -4.19
CA ILE A 46 -18.48 5.24 -5.59
C ILE A 46 -19.44 4.07 -5.72
N ASP A 47 -19.34 3.10 -4.80
CA ASP A 47 -20.24 1.95 -4.93
C ASP A 47 -21.71 2.35 -4.71
N TYR A 48 -21.97 3.43 -3.98
CA TYR A 48 -23.29 4.04 -3.89
C TYR A 48 -23.75 4.45 -5.28
N ILE A 49 -22.84 5.16 -5.95
CA ILE A 49 -23.14 5.60 -7.31
C ILE A 49 -23.51 4.37 -8.13
N ASN A 50 -22.61 3.40 -8.17
CA ASN A 50 -22.81 2.12 -8.85
C ASN A 50 -24.22 1.57 -8.69
N GLN A 51 -24.73 1.65 -7.46
CA GLN A 51 -25.99 1.00 -7.13
C GLN A 51 -27.19 1.87 -7.47
N THR A 52 -26.94 3.17 -7.57
CA THR A 52 -28.04 4.13 -7.65
C THR A 52 -28.21 4.72 -9.03
N LYS A 53 -27.10 4.94 -9.73
CA LYS A 53 -27.20 5.59 -11.05
C LYS A 53 -26.61 4.79 -12.18
N SER A 54 -27.20 4.90 -13.38
CA SER A 54 -26.53 4.23 -14.50
C SER A 54 -25.53 5.17 -15.16
N TYR A 55 -24.35 5.34 -14.58
CA TYR A 55 -23.27 6.13 -15.14
C TYR A 55 -22.19 5.27 -15.77
N HIS A 56 -21.29 5.92 -16.49
CA HIS A 56 -19.99 5.39 -16.89
C HIS A 56 -18.96 5.83 -15.83
N ILE A 57 -18.29 4.86 -15.20
CA ILE A 57 -17.38 5.27 -14.11
C ILE A 57 -15.97 4.80 -14.44
N ILE A 58 -14.99 5.70 -14.37
CA ILE A 58 -13.65 5.23 -14.73
C ILE A 58 -12.75 5.45 -13.51
N THR A 59 -11.98 4.40 -13.18
CA THR A 59 -11.08 4.46 -12.03
C THR A 59 -9.64 4.24 -12.47
N ILE A 60 -8.72 4.89 -11.79
CA ILE A 60 -7.29 4.88 -11.99
C ILE A 60 -6.62 4.70 -10.63
N GLU A 61 -6.11 3.52 -10.29
CA GLU A 61 -5.64 3.19 -8.95
C GLU A 61 -4.28 2.49 -9.01
N ASP A 62 -3.40 2.78 -8.04
CA ASP A 62 -2.04 2.23 -8.25
C ASP A 62 -2.14 0.73 -8.11
N PRO A 63 -2.47 0.14 -6.98
CA PRO A 63 -3.17 -1.16 -7.05
C PRO A 63 -4.65 -0.89 -6.84
N ILE A 64 -5.52 -1.60 -7.52
CA ILE A 64 -6.93 -1.36 -7.19
C ILE A 64 -7.16 -1.91 -5.80
N GLU A 65 -7.89 -1.16 -4.98
CA GLU A 65 -7.90 -1.63 -3.58
C GLU A 65 -9.19 -2.36 -3.28
N TYR A 66 -10.19 -2.12 -4.11
CA TYR A 66 -11.49 -2.83 -3.93
C TYR A 66 -12.05 -3.04 -5.32
N VAL A 67 -12.66 -4.21 -5.56
CA VAL A 67 -13.20 -4.41 -6.90
C VAL A 67 -14.72 -4.19 -6.89
N PHE A 68 -15.15 -3.45 -7.91
CA PHE A 68 -16.56 -3.07 -7.89
C PHE A 68 -17.41 -4.09 -8.66
N LYS A 69 -18.50 -4.48 -8.04
CA LYS A 69 -19.59 -5.32 -8.51
C LYS A 69 -20.23 -4.67 -9.74
N HIS A 70 -20.79 -5.43 -10.68
CA HIS A 70 -21.47 -4.69 -11.76
C HIS A 70 -22.98 -4.63 -11.48
N LYS A 71 -23.37 -3.48 -10.98
CA LYS A 71 -24.69 -3.07 -10.52
C LYS A 71 -25.39 -2.21 -11.55
N LYS A 72 -25.80 -0.98 -11.22
CA LYS A 72 -26.47 -0.12 -12.19
C LYS A 72 -25.53 0.62 -13.12
N SER A 73 -24.28 0.86 -12.71
CA SER A 73 -23.36 1.69 -13.46
C SER A 73 -22.35 0.83 -14.23
N ILE A 74 -21.62 1.47 -15.14
CA ILE A 74 -20.55 0.84 -15.91
C ILE A 74 -19.19 1.34 -15.44
N VAL A 75 -18.47 0.47 -14.73
CA VAL A 75 -17.22 0.80 -14.06
C VAL A 75 -15.99 0.16 -14.66
N ASN A 76 -15.14 1.02 -15.21
CA ASN A 76 -13.83 0.57 -15.67
C ASN A 76 -12.77 0.94 -14.65
N GLN A 77 -12.08 -0.05 -14.12
CA GLN A 77 -11.03 0.10 -13.13
C GLN A 77 -9.65 -0.20 -13.71
N ARG A 78 -8.80 0.81 -13.72
CA ARG A 78 -7.53 0.73 -14.43
C ARG A 78 -6.37 0.87 -13.45
N GLU A 79 -5.55 -0.17 -13.38
CA GLU A 79 -4.36 -0.19 -12.54
C GLU A 79 -3.19 0.43 -13.30
N VAL A 80 -2.67 1.53 -12.76
CA VAL A 80 -1.47 2.11 -13.38
C VAL A 80 -0.34 1.08 -13.31
N GLY A 81 0.01 0.55 -14.47
CA GLY A 81 1.03 -0.48 -14.56
C GLY A 81 0.60 -1.55 -15.54
N GLU A 82 -0.16 -2.56 -15.09
CA GLU A 82 -0.54 -3.58 -16.07
C GLU A 82 -1.39 -2.94 -17.16
N ASP A 83 -2.50 -2.34 -16.74
CA ASP A 83 -3.31 -1.62 -17.72
C ASP A 83 -2.46 -0.50 -18.34
N THR A 84 -2.16 0.57 -17.62
CA THR A 84 -1.35 1.62 -18.26
C THR A 84 -0.11 1.98 -17.46
N LYS A 85 0.34 3.22 -17.41
CA LYS A 85 1.64 3.50 -16.78
C LYS A 85 1.64 4.71 -15.85
N SER A 86 1.24 5.89 -16.31
CA SER A 86 1.30 7.09 -15.48
C SER A 86 -0.12 7.59 -15.19
N PHE A 87 -0.34 8.15 -14.01
CA PHE A 87 -1.69 8.64 -13.72
C PHE A 87 -2.09 9.68 -14.74
N ALA A 88 -1.12 10.54 -15.07
CA ALA A 88 -1.37 11.61 -16.03
C ALA A 88 -1.88 11.05 -17.35
N ASP A 89 -1.06 10.18 -17.94
CA ASP A 89 -1.38 9.48 -19.17
C ASP A 89 -2.83 8.97 -19.19
N ALA A 90 -3.08 8.02 -18.31
CA ALA A 90 -4.37 7.40 -18.10
C ALA A 90 -5.46 8.42 -17.80
N LEU A 91 -5.06 9.51 -17.14
CA LEU A 91 -6.18 10.41 -16.80
C LEU A 91 -6.68 11.07 -18.08
N ARG A 92 -5.75 11.61 -18.86
CA ARG A 92 -6.18 12.28 -20.09
C ARG A 92 -6.88 11.34 -21.05
N ALA A 93 -6.63 10.04 -20.95
CA ALA A 93 -7.29 9.02 -21.75
C ALA A 93 -8.72 8.77 -21.29
N ALA A 94 -8.95 8.62 -19.98
CA ALA A 94 -10.34 8.60 -19.51
C ALA A 94 -11.10 9.86 -19.89
N LEU A 95 -10.38 10.99 -19.89
CA LEU A 95 -11.05 12.27 -20.07
C LEU A 95 -11.80 12.35 -21.39
N ARG A 96 -11.11 12.06 -22.47
CA ARG A 96 -11.73 12.06 -23.79
C ARG A 96 -12.87 11.05 -23.86
N GLU A 97 -12.74 9.95 -23.10
CA GLU A 97 -13.72 8.88 -23.08
C GLU A 97 -15.09 9.41 -22.63
N ASP A 98 -15.09 10.52 -21.90
CA ASP A 98 -16.27 11.26 -21.47
C ASP A 98 -17.05 10.56 -20.38
N PRO A 99 -16.47 10.15 -19.25
CA PRO A 99 -17.37 9.40 -18.34
C PRO A 99 -18.08 10.37 -17.41
N ASP A 100 -18.97 9.85 -16.58
CA ASP A 100 -19.72 10.68 -15.65
C ASP A 100 -18.91 10.97 -14.38
N VAL A 101 -18.02 10.03 -14.11
CA VAL A 101 -17.23 10.02 -12.90
C VAL A 101 -15.83 9.50 -13.21
N ILE A 102 -14.81 10.13 -12.64
CA ILE A 102 -13.48 9.55 -12.72
C ILE A 102 -12.88 9.51 -11.31
N PHE A 103 -12.18 8.45 -10.95
CA PHE A 103 -11.48 8.50 -9.65
C PHE A 103 -9.99 8.41 -9.96
N VAL A 104 -9.22 9.40 -9.55
CA VAL A 104 -7.78 9.48 -9.67
C VAL A 104 -7.13 9.17 -8.32
N GLY A 105 -6.52 7.99 -8.27
CA GLY A 105 -6.01 7.43 -7.03
C GLY A 105 -5.09 8.37 -6.28
N GLU A 106 -4.24 9.08 -7.00
CA GLU A 106 -3.29 9.95 -6.32
C GLU A 106 -2.80 11.04 -7.27
N ARG A 108 0.24 13.23 -7.04
CA ARG A 108 1.62 13.38 -6.63
C ARG A 108 2.28 14.46 -7.48
N ASP A 109 1.63 14.70 -8.62
CA ASP A 109 2.20 15.48 -9.70
C ASP A 109 1.33 16.64 -10.16
N LEU A 110 2.07 17.64 -10.63
CA LEU A 110 1.49 18.79 -11.31
C LEU A 110 0.62 18.35 -12.47
N GLU A 111 1.16 17.47 -13.33
CA GLU A 111 0.40 17.10 -14.51
C GLU A 111 -0.93 16.45 -14.15
N THR A 112 -0.95 15.57 -13.15
CA THR A 112 -2.14 14.84 -12.76
C THR A 112 -3.18 15.81 -12.21
N VAL A 113 -2.67 16.62 -11.29
CA VAL A 113 -3.48 17.64 -10.64
C VAL A 113 -4.12 18.59 -11.64
N GLU A 114 -3.32 19.06 -12.60
CA GLU A 114 -3.84 19.98 -13.61
C GLU A 114 -4.88 19.26 -14.46
N THR A 115 -4.62 17.99 -14.77
CA THR A 115 -5.66 17.35 -15.57
C THR A 115 -6.91 17.15 -14.72
N ALA A 116 -6.75 16.80 -13.43
CA ALA A 116 -7.91 16.61 -12.60
C ALA A 116 -8.80 17.87 -12.57
N LEU A 117 -8.19 19.02 -12.45
CA LEU A 117 -8.89 20.31 -12.39
C LEU A 117 -9.66 20.55 -13.68
N ARG A 118 -9.06 20.17 -14.82
CA ARG A 118 -9.82 20.50 -16.04
C ARG A 118 -11.01 19.54 -16.15
N ALA A 119 -10.77 18.26 -15.84
CA ALA A 119 -11.89 17.32 -15.85
C ALA A 119 -13.04 17.82 -14.98
N ALA A 120 -12.71 18.29 -13.78
CA ALA A 120 -13.73 18.75 -12.84
C ALA A 120 -14.48 19.96 -13.41
N GLU A 121 -13.82 20.81 -14.20
CA GLU A 121 -14.52 21.98 -14.71
C GLU A 121 -15.32 21.78 -15.98
N THR A 122 -15.02 20.79 -16.80
CA THR A 122 -15.73 20.54 -18.05
C THR A 122 -16.77 19.44 -17.95
N GLY A 123 -17.52 19.33 -16.84
CA GLY A 123 -18.61 18.41 -16.80
C GLY A 123 -18.32 17.05 -16.23
N HIS A 124 -17.31 16.89 -15.39
CA HIS A 124 -17.15 15.58 -14.78
C HIS A 124 -16.99 15.67 -13.27
N LEU A 125 -17.47 14.63 -12.60
CA LEU A 125 -17.34 14.49 -11.16
C LEU A 125 -16.01 13.82 -10.87
N VAL A 126 -15.13 14.48 -10.11
CA VAL A 126 -13.80 13.91 -9.93
C VAL A 126 -13.54 13.59 -8.46
N PHE A 127 -13.22 12.34 -8.15
CA PHE A 127 -12.72 11.95 -6.84
C PHE A 127 -11.19 11.85 -6.89
N GLY A 128 -10.53 12.36 -5.85
CA GLY A 128 -9.11 12.12 -5.73
C GLY A 128 -8.72 11.90 -4.28
N THR A 129 -7.51 11.42 -4.04
CA THR A 129 -7.03 11.30 -2.69
C THR A 129 -5.67 12.00 -2.57
N LEU A 130 -5.44 12.51 -1.37
CA LEU A 130 -4.14 13.05 -1.00
C LEU A 130 -3.82 12.55 0.43
N HIS A 131 -2.55 12.65 0.81
CA HIS A 131 -2.12 12.25 2.14
C HIS A 131 -2.07 13.39 3.15
N THR A 132 -2.66 14.52 2.82
CA THR A 132 -2.73 15.65 3.76
C THR A 132 -3.65 15.35 4.91
N ASN A 133 -3.42 16.02 6.05
CA ASN A 133 -4.15 15.65 7.25
C ASN A 133 -5.38 16.50 7.51
N THR A 134 -5.47 17.66 6.88
CA THR A 134 -6.52 18.65 7.22
C THR A 134 -7.14 19.28 6.00
N ALA A 135 -8.35 19.81 6.12
CA ALA A 135 -9.01 20.41 4.96
C ALA A 135 -8.15 21.56 4.43
N ILE A 136 -7.56 22.28 5.38
CA ILE A 136 -6.73 23.43 5.07
C ILE A 136 -5.42 23.03 4.40
N ASP A 137 -4.76 21.99 4.93
CA ASP A 137 -3.48 21.62 4.31
C ASP A 137 -3.71 21.14 2.88
N THR A 138 -4.90 20.58 2.73
CA THR A 138 -5.33 19.99 1.45
C THR A 138 -5.32 21.03 0.34
N ILE A 139 -5.86 22.19 0.73
CA ILE A 139 -5.94 23.32 -0.20
C ILE A 139 -4.58 23.87 -0.53
N HIS A 140 -3.71 23.95 0.48
CA HIS A 140 -2.34 24.41 0.27
C HIS A 140 -1.50 23.47 -0.57
N ARG A 141 -1.68 22.16 -0.38
CA ARG A 141 -0.92 21.22 -1.20
C ARG A 141 -1.35 21.33 -2.66
N ILE A 142 -2.67 21.43 -2.86
CA ILE A 142 -3.17 21.51 -4.22
C ILE A 142 -2.62 22.78 -4.88
N VAL A 143 -2.74 23.92 -4.22
CA VAL A 143 -2.31 25.16 -4.86
C VAL A 143 -0.80 25.27 -5.00
N ASP A 144 -0.09 24.97 -3.91
CA ASP A 144 1.34 25.21 -3.76
C ASP A 144 2.17 24.36 -4.69
N ILE A 145 1.54 23.27 -5.18
CA ILE A 145 2.38 22.46 -6.07
C ILE A 145 2.61 23.23 -7.37
N PHE A 146 1.75 24.20 -7.66
CA PHE A 146 1.87 25.02 -8.86
C PHE A 146 2.89 26.14 -8.81
N PRO A 147 3.39 26.60 -9.95
CA PRO A 147 4.30 27.76 -9.92
C PRO A 147 3.55 29.01 -9.46
N LEU A 148 4.26 29.81 -8.70
CA LEU A 148 3.83 31.00 -8.00
C LEU A 148 2.81 31.75 -8.86
N ASN A 149 3.22 32.07 -10.06
CA ASN A 149 2.48 32.82 -11.07
C ASN A 149 1.19 32.13 -11.49
N GLN A 150 1.01 30.87 -11.09
CA GLN A 150 -0.20 30.14 -11.41
C GLN A 150 -1.09 29.87 -10.21
N GLN A 151 -0.71 30.27 -9.00
CA GLN A 151 -1.49 29.84 -7.84
C GLN A 151 -2.74 30.67 -7.67
N GLU A 152 -2.71 31.98 -7.91
CA GLU A 152 -3.99 32.72 -7.87
C GLU A 152 -5.04 32.04 -8.75
N GLN A 153 -4.60 31.63 -9.93
CA GLN A 153 -5.41 30.88 -10.88
C GLN A 153 -6.02 29.63 -10.28
N VAL A 154 -5.21 28.66 -9.89
CA VAL A 154 -5.63 27.47 -9.18
C VAL A 154 -6.46 27.75 -7.97
N ARG A 155 -6.10 28.78 -7.18
CA ARG A 155 -6.94 29.00 -5.99
C ARG A 155 -8.38 29.31 -6.37
N ILE A 156 -8.60 30.17 -7.36
CA ILE A 156 -9.98 30.57 -7.70
C ILE A 156 -10.69 29.51 -8.52
N VAL A 157 -10.03 28.68 -9.29
CA VAL A 157 -10.69 27.51 -9.90
C VAL A 157 -11.26 26.62 -8.80
N LEU A 158 -10.45 26.33 -7.77
CA LEU A 158 -10.95 25.51 -6.69
C LEU A 158 -12.19 26.15 -6.07
N SER A 159 -12.15 27.48 -5.92
CA SER A 159 -13.27 28.12 -5.25
C SER A 159 -14.59 27.86 -5.98
N PHE A 160 -14.54 27.61 -7.30
CA PHE A 160 -15.76 27.34 -8.05
C PHE A 160 -16.03 25.86 -8.26
N ILE A 161 -15.00 25.02 -8.21
CA ILE A 161 -15.24 23.64 -8.63
C ILE A 161 -15.10 22.65 -7.48
N LEU A 162 -14.49 23.03 -6.38
CA LEU A 162 -14.39 22.21 -5.17
C LEU A 162 -15.76 21.87 -4.62
N GLN A 163 -16.05 20.59 -4.45
CA GLN A 163 -17.36 20.12 -3.98
C GLN A 163 -17.31 19.72 -2.52
N GLY A 164 -16.15 19.15 -2.15
CA GLY A 164 -16.13 18.72 -0.73
C GLY A 164 -14.75 18.17 -0.43
N ILE A 165 -14.29 18.31 0.80
CA ILE A 165 -13.07 17.54 1.10
C ILE A 165 -13.27 16.91 2.49
N ILE A 166 -12.97 15.62 2.57
CA ILE A 166 -13.04 14.84 3.79
C ILE A 166 -11.64 14.47 4.26
N SER A 167 -11.26 14.85 5.46
CA SER A 167 -9.99 14.48 6.08
C SER A 167 -10.25 13.34 7.07
N GLN A 168 -9.73 12.13 6.92
CA GLN A 168 -10.13 11.04 7.81
C GLN A 168 -8.99 10.53 8.67
N ARG A 169 -9.34 10.01 9.83
CA ARG A 169 -8.45 9.20 10.65
C ARG A 169 -9.29 8.11 11.32
N LEU A 170 -8.68 6.93 11.44
CA LEU A 170 -9.29 5.79 12.08
C LEU A 170 -8.70 5.62 13.49
N LEU A 171 -9.53 5.67 14.52
CA LEU A 171 -9.05 5.58 15.91
C LEU A 171 -9.42 4.22 16.51
N PRO A 172 -8.66 3.73 17.48
CA PRO A 172 -9.10 2.53 18.19
C PRO A 172 -10.29 2.83 19.09
N LYS A 173 -10.82 1.80 19.72
CA LYS A 173 -11.74 1.72 20.83
C LYS A 173 -12.91 0.77 20.59
N ILE A 174 -14.00 1.13 21.27
CA ILE A 174 -15.23 0.35 21.34
C ILE A 174 -16.37 0.96 20.53
N GLY A 175 -17.53 0.32 20.57
CA GLY A 175 -18.72 0.75 19.86
C GLY A 175 -19.02 -0.14 18.66
N GLY A 176 -18.03 -0.29 17.79
CA GLY A 176 -18.10 -1.11 16.60
C GLY A 176 -16.76 -1.73 16.23
N GLY A 177 -15.69 -1.12 16.71
CA GLY A 177 -14.32 -1.53 16.51
C GLY A 177 -13.38 -0.34 16.57
N ARG A 178 -12.91 0.10 15.41
CA ARG A 178 -12.21 1.37 15.28
C ARG A 178 -13.26 2.45 15.05
N VAL A 179 -12.88 3.71 15.24
CA VAL A 179 -13.88 4.71 14.86
C VAL A 179 -13.24 5.70 13.88
N LEU A 180 -14.06 6.15 12.92
CA LEU A 180 -13.62 7.17 11.98
C LEU A 180 -13.75 8.55 12.59
N ALA A 181 -12.64 9.25 12.62
CA ALA A 181 -12.51 10.66 12.98
C ALA A 181 -12.25 11.41 11.66
N TYR A 182 -13.02 12.47 11.43
CA TYR A 182 -12.99 13.18 10.17
C TYR A 182 -13.13 14.69 10.39
N GLY A 183 -12.59 15.41 9.41
CA GLY A 183 -12.81 16.85 9.25
C GLY A 183 -13.64 17.01 7.98
N LEU A 184 -14.47 18.03 7.83
CA LEU A 184 -15.28 18.05 6.58
C LEU A 184 -15.49 19.49 6.16
N LEU A 185 -15.27 19.77 4.89
CA LEU A 185 -15.45 21.13 4.35
C LEU A 185 -16.23 21.02 3.03
N ILE A 186 -17.50 21.37 3.11
CA ILE A 186 -18.29 21.37 1.87
C ILE A 186 -18.72 22.82 1.65
N PRO A 187 -17.97 23.46 0.76
CA PRO A 187 -18.02 24.92 0.62
C PRO A 187 -19.48 25.31 0.40
N ASN A 188 -19.80 26.50 0.87
CA ASN A 188 -21.07 27.19 0.69
C ASN A 188 -20.69 28.53 0.10
N THR A 189 -21.62 29.45 -0.14
CA THR A 189 -21.22 30.67 -0.83
C THR A 189 -20.13 31.44 -0.09
N ALA A 190 -20.18 31.47 1.23
CA ALA A 190 -19.27 32.22 2.08
C ALA A 190 -17.85 31.71 2.05
N ILE A 191 -17.63 30.41 2.21
CA ILE A 191 -16.28 29.83 2.12
C ILE A 191 -15.80 29.85 0.68
N ARG A 192 -16.67 29.73 -0.32
CA ARG A 192 -16.22 29.90 -1.71
C ARG A 192 -15.54 31.23 -1.89
N ASN A 193 -16.25 32.28 -1.46
CA ASN A 193 -15.68 33.63 -1.47
C ASN A 193 -14.35 33.70 -0.73
N LEU A 194 -14.32 33.22 0.52
CA LEU A 194 -13.06 33.33 1.26
C LEU A 194 -11.93 32.58 0.59
N ILE A 195 -12.20 31.42 -0.02
CA ILE A 195 -11.12 30.77 -0.78
C ILE A 195 -10.60 31.66 -1.90
N ARG A 196 -11.52 32.36 -2.54
CA ARG A 196 -11.26 33.32 -3.60
C ARG A 196 -10.29 34.42 -3.15
N GLU A 197 -10.64 35.13 -2.09
CA GLU A 197 -9.80 36.12 -1.43
C GLU A 197 -8.63 35.50 -0.68
N ASN A 198 -8.53 34.18 -0.58
CA ASN A 198 -7.43 33.60 0.19
C ASN A 198 -7.51 34.00 1.66
N LYS A 199 -8.61 33.70 2.29
CA LYS A 199 -8.87 33.90 3.70
C LYS A 199 -9.10 32.55 4.37
N LEU A 200 -8.07 31.72 4.28
CA LEU A 200 -8.12 30.31 4.69
C LEU A 200 -8.18 30.22 6.21
N GLN A 201 -7.68 31.27 6.87
CA GLN A 201 -7.80 31.38 8.31
C GLN A 201 -9.27 31.53 8.71
N GLN A 202 -9.96 32.44 8.04
CA GLN A 202 -11.40 32.64 8.24
C GLN A 202 -12.23 31.45 7.77
N VAL A 203 -11.79 30.70 6.77
CA VAL A 203 -12.49 29.48 6.34
C VAL A 203 -12.53 28.49 7.50
N TYR A 204 -11.42 28.41 8.25
CA TYR A 204 -11.37 27.49 9.38
C TYR A 204 -12.34 27.92 10.47
N SER A 205 -12.29 29.19 10.84
CA SER A 205 -13.23 29.73 11.82
C SER A 205 -14.65 29.41 11.38
N LEU A 206 -14.93 29.49 10.07
CA LEU A 206 -16.29 29.12 9.68
C LEU A 206 -16.51 27.61 9.80
N GLN A 208 -15.63 25.89 12.33
CA GLN A 208 -15.92 25.70 13.75
C GLN A 208 -17.38 26.00 14.09
N SER A 209 -18.08 26.72 13.21
CA SER A 209 -19.45 27.14 13.43
C SER A 209 -20.45 26.05 13.02
N GLY A 210 -20.21 25.42 11.87
CA GLY A 210 -21.01 24.27 11.47
C GLY A 210 -21.03 23.28 12.65
N GLN A 211 -22.04 23.44 13.48
CA GLN A 211 -22.31 22.80 14.75
C GLN A 211 -21.94 21.33 14.79
N ALA A 212 -22.96 20.47 14.67
CA ALA A 212 -22.76 19.02 14.65
C ALA A 212 -22.69 18.49 13.21
N GLU A 213 -22.35 19.40 12.29
CA GLU A 213 -22.21 19.12 10.86
C GLU A 213 -22.46 20.38 10.04
N THR A 214 -23.71 20.70 9.77
CA THR A 214 -24.22 21.78 8.95
C THR A 214 -23.27 22.17 7.82
N GLY A 215 -22.87 21.17 7.05
CA GLY A 215 -21.91 21.30 5.97
C GLY A 215 -20.47 21.21 6.40
N GLN A 217 -17.17 20.69 9.45
CA GLN A 217 -16.88 20.18 10.79
C GLN A 217 -15.38 19.95 10.90
N THR A 218 -14.77 20.54 11.93
CA THR A 218 -13.33 20.38 12.06
C THR A 218 -13.03 19.00 12.65
N ASN A 220 -10.92 18.36 15.16
CA ASN A 220 -10.88 18.62 16.60
C ASN A 220 -12.27 18.52 17.19
N GLN A 221 -13.27 18.99 16.44
CA GLN A 221 -14.63 18.86 16.96
C GLN A 221 -15.09 17.40 16.98
N THR A 222 -14.80 16.71 15.88
CA THR A 222 -15.18 15.30 15.71
C THR A 222 -14.52 14.42 16.76
N LEU A 223 -13.27 14.69 17.10
CA LEU A 223 -12.61 14.04 18.22
C LEU A 223 -13.27 14.35 19.55
N TYR A 224 -13.59 15.63 19.71
CA TYR A 224 -14.30 16.06 20.90
C TYR A 224 -15.59 15.27 21.06
N LYS A 225 -16.46 15.22 20.06
CA LYS A 225 -17.71 14.49 20.24
C LYS A 225 -17.51 12.98 20.38
N LEU A 226 -16.56 12.39 19.66
CA LEU A 226 -16.30 10.97 19.87
C LEU A 226 -15.86 10.70 21.31
N TYR A 227 -15.00 11.58 21.83
CA TYR A 227 -14.54 11.46 23.20
C TYR A 227 -15.70 11.61 24.16
N LYS A 228 -16.55 12.59 23.89
CA LYS A 228 -17.63 12.98 24.79
C LYS A 228 -18.73 11.91 24.77
N GLN A 229 -18.61 10.97 23.85
CA GLN A 229 -19.54 9.85 23.79
C GLN A 229 -18.88 8.57 24.29
N GLY A 230 -17.68 8.73 24.83
CA GLY A 230 -16.92 7.61 25.38
C GLY A 230 -16.55 6.64 24.28
N LEU A 231 -16.36 7.22 23.08
CA LEU A 231 -16.09 6.37 21.92
C LEU A 231 -14.58 6.20 21.71
N ILE A 232 -13.77 7.13 22.15
CA ILE A 232 -12.31 7.01 22.17
C ILE A 232 -11.80 7.48 23.52
N THR A 233 -10.52 7.26 23.81
CA THR A 233 -10.07 7.79 25.10
C THR A 233 -9.52 9.21 24.88
N LEU A 234 -9.37 9.95 25.98
CA LEU A 234 -8.72 11.25 25.96
C LEU A 234 -7.37 11.16 25.27
N GLU A 235 -6.53 10.20 25.67
CA GLU A 235 -5.17 10.17 25.11
C GLU A 235 -5.17 9.93 23.60
N ASP A 236 -6.12 9.11 23.15
CA ASP A 236 -6.22 8.80 21.72
C ASP A 236 -6.59 10.03 20.90
N ALA A 237 -7.41 10.87 21.51
CA ALA A 237 -7.97 12.07 20.89
C ALA A 237 -6.88 13.12 20.71
N GLU A 239 -3.79 12.49 20.76
CA GLU A 239 -2.77 11.93 19.88
C GLU A 239 -3.02 12.19 18.39
N ALA A 240 -4.27 12.34 17.99
CA ALA A 240 -4.71 12.40 16.60
C ALA A 240 -5.10 13.80 16.15
N SER A 241 -5.31 14.70 17.09
CA SER A 241 -5.64 16.11 16.82
C SER A 241 -4.56 16.83 16.04
N PRO A 242 -4.94 17.52 14.96
CA PRO A 242 -3.99 18.34 14.20
C PRO A 242 -3.73 19.67 14.90
N ASP A 243 -4.27 19.82 16.11
CA ASP A 243 -3.94 20.94 16.97
C ASP A 243 -4.44 20.67 18.38
N PRO A 244 -3.60 19.98 19.15
CA PRO A 244 -3.98 19.56 20.50
C PRO A 244 -4.41 20.73 21.37
N LYS A 245 -3.78 21.90 21.18
CA LYS A 245 -4.06 23.04 22.04
C LYS A 245 -5.51 23.50 22.00
N GLU A 246 -6.07 23.49 20.79
CA GLU A 246 -7.49 23.76 20.55
C GLU A 246 -8.37 22.69 21.19
N LEU A 247 -8.03 21.40 21.10
CA LEU A 247 -8.89 20.41 21.76
C LEU A 247 -8.81 20.57 23.26
N GLU A 248 -7.60 20.87 23.77
CA GLU A 248 -7.53 20.93 25.23
C GLU A 248 -8.36 22.12 25.70
N ARG A 249 -8.30 23.20 24.90
CA ARG A 249 -9.12 24.37 25.26
C ARG A 249 -10.58 23.96 25.20
N ILE A 251 -12.01 20.94 25.82
CA ILE A 251 -12.32 20.02 26.90
C ILE A 251 -12.67 20.73 28.20
N ARG A 252 -11.96 21.80 28.51
CA ARG A 252 -12.11 22.56 29.74
C ARG A 252 -13.47 23.22 29.89
N PRO B 6 -5.65 -12.93 -4.35
CA PRO B 6 -4.93 -13.09 -5.62
C PRO B 6 -4.16 -14.42 -5.63
N GLU B 7 -4.45 -15.30 -6.58
CA GLU B 7 -3.97 -16.69 -6.49
C GLU B 7 -2.55 -16.86 -7.02
N PHE B 8 -1.80 -17.73 -6.35
CA PHE B 8 -0.39 -17.93 -6.63
C PHE B 8 -0.08 -18.05 -8.11
N LYS B 9 -0.83 -18.94 -8.77
CA LYS B 9 -0.66 -19.26 -10.17
C LYS B 9 -0.52 -18.02 -11.04
N LYS B 10 -1.26 -16.99 -10.70
CA LYS B 10 -1.33 -15.75 -11.46
C LYS B 10 -0.08 -14.90 -11.31
N LEU B 11 0.83 -15.28 -10.40
CA LEU B 11 2.00 -14.50 -10.07
C LEU B 11 3.12 -14.50 -11.09
N GLY B 12 3.37 -15.63 -11.75
CA GLY B 12 4.58 -15.67 -12.59
C GLY B 12 5.69 -16.45 -11.88
N LEU B 13 5.46 -16.96 -10.67
CA LEU B 13 6.55 -17.69 -9.98
C LEU B 13 6.40 -19.18 -10.26
N PRO B 14 7.46 -19.97 -10.24
CA PRO B 14 7.25 -21.39 -10.54
C PRO B 14 6.47 -22.01 -9.39
N ASP B 15 5.73 -23.08 -9.65
CA ASP B 15 5.00 -23.76 -8.59
C ASP B 15 5.88 -24.25 -7.44
N LYS B 16 7.17 -24.44 -7.62
CA LYS B 16 8.15 -24.84 -6.62
C LYS B 16 8.19 -23.97 -5.38
N VAL B 17 8.03 -22.65 -5.55
CA VAL B 17 7.94 -21.76 -4.42
C VAL B 17 6.89 -22.20 -3.39
N LEU B 18 5.76 -22.71 -3.88
CA LEU B 18 4.73 -23.12 -2.91
C LEU B 18 5.23 -24.24 -2.00
N GLU B 19 6.27 -24.98 -2.40
CA GLU B 19 6.74 -26.00 -1.44
C GLU B 19 7.20 -25.43 -0.10
N LEU B 20 7.69 -24.19 -0.07
CA LEU B 20 8.16 -23.48 1.11
C LEU B 20 7.07 -23.31 2.15
N CYS B 21 5.83 -23.30 1.67
CA CYS B 21 4.69 -23.10 2.55
C CYS B 21 4.44 -24.37 3.36
N HIS B 22 5.10 -25.46 2.96
CA HIS B 22 4.93 -26.72 3.70
C HIS B 22 6.03 -26.97 4.71
N ARG B 23 7.00 -26.06 4.80
CA ARG B 23 8.08 -26.18 5.78
C ARG B 23 7.55 -25.79 7.17
N LYS B 24 8.14 -26.38 8.19
CA LYS B 24 7.72 -26.42 9.58
C LYS B 24 8.35 -25.29 10.38
N GLY B 26 11.74 -21.96 9.74
CA GLY B 26 12.88 -21.54 8.93
C GLY B 26 12.49 -20.14 8.41
N LEU B 27 13.27 -19.64 7.49
CA LEU B 27 13.16 -18.28 6.94
C LEU B 27 12.84 -18.27 5.45
N ILE B 28 11.83 -17.48 5.11
CA ILE B 28 11.45 -17.21 3.75
C ILE B 28 11.49 -15.69 3.53
N LEU B 29 12.35 -15.31 2.59
CA LEU B 29 12.67 -13.92 2.29
C LEU B 29 12.29 -13.57 0.85
N VAL B 30 11.54 -12.48 0.69
CA VAL B 30 11.19 -12.00 -0.65
C VAL B 30 11.83 -10.62 -0.74
N THR B 31 12.61 -10.33 -1.78
CA THR B 31 13.48 -9.16 -1.69
C THR B 31 13.42 -8.33 -2.97
N GLY B 32 13.84 -7.07 -2.83
CA GLY B 32 13.82 -6.22 -4.03
C GLY B 32 13.40 -4.80 -3.68
N PRO B 33 13.45 -3.89 -4.64
CA PRO B 33 13.16 -2.49 -4.30
C PRO B 33 11.67 -2.25 -4.14
N THR B 34 11.29 -1.09 -3.61
CA THR B 34 9.86 -0.74 -3.52
C THR B 34 9.24 -0.83 -4.91
N GLY B 35 7.99 -1.30 -4.99
CA GLY B 35 7.30 -1.45 -6.25
C GLY B 35 7.59 -2.76 -6.90
N SER B 36 8.09 -3.77 -6.18
CA SER B 36 8.30 -4.94 -7.08
C SER B 36 7.42 -6.11 -6.69
N GLY B 37 6.30 -5.87 -6.04
CA GLY B 37 5.28 -6.86 -5.68
C GLY B 37 5.65 -7.79 -4.56
N LYS B 38 6.54 -7.42 -3.63
CA LYS B 38 6.94 -8.36 -2.57
C LYS B 38 5.79 -8.76 -1.66
N SER B 39 5.01 -7.77 -1.25
CA SER B 39 3.79 -7.92 -0.48
C SER B 39 2.76 -8.78 -1.20
N THR B 40 2.62 -8.69 -2.52
CA THR B 40 1.67 -9.53 -3.25
C THR B 40 2.06 -11.01 -3.23
N THR B 41 3.35 -11.28 -3.37
CA THR B 41 3.83 -12.64 -3.36
C THR B 41 3.64 -13.32 -2.02
N ILE B 42 4.10 -12.56 -1.01
CA ILE B 42 3.96 -13.12 0.34
C ILE B 42 2.49 -13.27 0.69
N ALA B 43 1.62 -12.35 0.29
CA ALA B 43 0.21 -12.56 0.69
C ALA B 43 -0.34 -13.83 0.04
N SER B 44 0.06 -14.11 -1.21
CA SER B 44 -0.53 -15.30 -1.85
C SER B 44 0.06 -16.58 -1.27
N ILE B 46 0.99 -16.95 1.96
CA ILE B 46 0.34 -17.07 3.27
C ILE B 46 -1.13 -17.33 3.05
N ASP B 47 -1.70 -16.88 1.92
CA ASP B 47 -3.12 -17.28 1.79
C ASP B 47 -3.29 -18.77 1.49
N TYR B 48 -2.50 -19.29 0.55
CA TYR B 48 -2.40 -20.72 0.27
C TYR B 48 -2.37 -21.49 1.58
N ILE B 49 -1.45 -21.13 2.47
CA ILE B 49 -1.39 -21.80 3.77
C ILE B 49 -2.73 -21.73 4.50
N ASN B 50 -3.30 -20.54 4.49
CA ASN B 50 -4.60 -20.18 5.03
C ASN B 50 -5.73 -21.03 4.47
N GLN B 51 -5.64 -21.40 3.20
CA GLN B 51 -6.76 -22.16 2.66
C GLN B 51 -6.56 -23.66 2.83
N THR B 52 -5.36 -24.09 3.26
CA THR B 52 -5.04 -25.50 3.31
C THR B 52 -4.64 -25.97 4.70
N LYS B 53 -4.17 -25.06 5.56
CA LYS B 53 -3.64 -25.56 6.83
C LYS B 53 -4.29 -24.91 8.04
N SER B 54 -4.41 -25.67 9.11
CA SER B 54 -4.99 -25.22 10.37
C SER B 54 -3.91 -24.70 11.33
N TYR B 55 -3.44 -23.48 11.07
CA TYR B 55 -2.39 -22.77 11.76
C TYR B 55 -2.88 -21.52 12.46
N HIS B 56 -1.99 -21.00 13.31
CA HIS B 56 -2.15 -19.62 13.70
C HIS B 56 -1.01 -18.86 12.97
N ILE B 57 -1.43 -17.89 12.20
CA ILE B 57 -0.63 -16.97 11.42
C ILE B 57 -0.65 -15.56 12.06
N ILE B 58 0.52 -14.97 12.30
CA ILE B 58 0.53 -13.60 12.78
C ILE B 58 1.32 -12.71 11.80
N THR B 59 0.68 -11.62 11.40
CA THR B 59 1.20 -10.71 10.40
C THR B 59 1.54 -9.35 10.98
N ILE B 60 2.67 -8.79 10.57
CA ILE B 60 3.19 -7.54 11.09
C ILE B 60 3.51 -6.59 9.94
N GLU B 61 2.72 -5.52 9.81
CA GLU B 61 2.99 -4.59 8.70
C GLU B 61 2.73 -3.13 9.01
N ASP B 62 3.38 -2.28 8.22
CA ASP B 62 3.28 -0.83 8.50
C ASP B 62 1.89 -0.38 8.10
N PRO B 63 1.47 -0.21 6.87
CA PRO B 63 0.00 -0.27 6.72
C PRO B 63 -0.32 -1.73 6.46
N ILE B 64 -1.36 -2.29 7.06
CA ILE B 64 -1.85 -3.56 6.50
C ILE B 64 -2.09 -3.37 5.01
N GLU B 65 -1.75 -4.37 4.21
CA GLU B 65 -1.74 -4.16 2.77
C GLU B 65 -2.76 -5.06 2.07
N TYR B 66 -2.62 -6.36 2.29
CA TYR B 66 -3.63 -7.34 1.90
C TYR B 66 -4.38 -7.76 3.17
N VAL B 67 -5.70 -7.90 3.06
CA VAL B 67 -6.53 -8.27 4.19
C VAL B 67 -6.94 -9.74 4.12
N PHE B 68 -6.80 -10.49 5.21
CA PHE B 68 -7.22 -11.88 5.24
C PHE B 68 -8.28 -12.06 6.33
N LYS B 69 -8.85 -13.26 6.40
CA LYS B 69 -9.77 -13.57 7.51
C LYS B 69 -9.61 -15.02 7.97
N HIS B 70 -10.74 -15.69 8.18
CA HIS B 70 -10.67 -17.11 8.52
C HIS B 70 -11.16 -17.94 7.33
N LYS B 71 -10.24 -18.76 6.81
CA LYS B 71 -10.53 -19.71 5.75
C LYS B 71 -10.41 -21.11 6.36
N LYS B 72 -9.27 -21.32 7.00
CA LYS B 72 -8.92 -22.56 7.67
C LYS B 72 -8.04 -22.29 8.87
N SER B 73 -7.22 -21.22 8.81
CA SER B 73 -6.43 -21.01 10.02
C SER B 73 -6.71 -19.62 10.60
N ILE B 74 -6.11 -19.26 11.72
CA ILE B 74 -6.36 -17.93 12.26
C ILE B 74 -5.21 -16.97 12.00
N VAL B 75 -5.54 -15.94 11.22
CA VAL B 75 -4.63 -14.87 10.83
C VAL B 75 -4.82 -13.62 11.69
N ASN B 76 -3.89 -13.37 12.59
CA ASN B 76 -3.85 -12.18 13.45
C ASN B 76 -3.10 -11.07 12.72
N GLN B 77 -3.75 -10.06 12.15
CA GLN B 77 -3.10 -8.99 11.40
C GLN B 77 -2.83 -7.73 12.21
N ARG B 78 -1.57 -7.33 12.34
CA ARG B 78 -1.17 -6.23 13.21
C ARG B 78 -0.31 -5.17 12.52
N GLU B 79 -0.59 -3.94 12.89
CA GLU B 79 -0.01 -2.74 12.33
C GLU B 79 0.92 -1.99 13.28
N VAL B 80 2.08 -1.67 12.77
CA VAL B 80 3.08 -0.79 13.34
C VAL B 80 2.51 0.57 13.69
N GLY B 81 2.91 1.12 14.84
CA GLY B 81 2.36 2.42 15.23
C GLY B 81 0.92 2.23 15.69
N GLU B 82 0.06 1.93 14.73
CA GLU B 82 -1.36 1.69 14.95
C GLU B 82 -1.60 0.52 15.88
N ASP B 83 -0.59 -0.30 16.13
CA ASP B 83 -0.60 -1.29 17.19
C ASP B 83 0.67 -1.14 18.03
N THR B 84 1.82 -1.27 17.39
CA THR B 84 3.10 -1.20 18.11
C THR B 84 3.92 0.00 17.69
N LYS B 85 5.23 -0.12 17.56
CA LYS B 85 6.01 1.05 17.11
C LYS B 85 7.47 0.65 16.84
N SER B 86 7.62 -0.37 16.00
CA SER B 86 8.86 -1.06 15.73
C SER B 86 8.57 -2.50 15.29
N PHE B 87 9.30 -3.02 14.31
CA PHE B 87 9.10 -4.41 13.91
C PHE B 87 9.65 -5.38 14.95
N ALA B 88 10.84 -5.13 15.51
CA ALA B 88 11.39 -6.09 16.48
C ALA B 88 10.53 -6.23 17.71
N ASP B 89 10.11 -5.11 18.29
CA ASP B 89 9.28 -5.21 19.50
C ASP B 89 7.99 -5.96 19.19
N ALA B 90 7.43 -5.75 18.01
CA ALA B 90 6.24 -6.44 17.55
C ALA B 90 6.57 -7.90 17.26
N LEU B 91 7.73 -8.17 16.67
CA LEU B 91 8.13 -9.57 16.51
C LEU B 91 8.18 -10.25 17.87
N ARG B 92 8.80 -9.61 18.84
CA ARG B 92 8.93 -10.16 20.20
C ARG B 92 7.56 -10.65 20.69
N ALA B 93 6.60 -9.75 20.79
CA ALA B 93 5.23 -10.05 21.16
C ALA B 93 4.69 -11.27 20.41
N ALA B 94 4.69 -11.20 19.09
CA ALA B 94 4.20 -12.25 18.23
C ALA B 94 4.78 -13.60 18.59
N LEU B 95 6.09 -13.62 18.81
CA LEU B 95 6.75 -14.87 19.15
C LEU B 95 6.12 -15.54 20.37
N ARG B 96 5.91 -14.72 21.39
CA ARG B 96 5.53 -15.13 22.73
C ARG B 96 4.19 -15.84 22.76
N GLU B 97 3.30 -15.51 21.84
CA GLU B 97 2.06 -16.25 21.63
C GLU B 97 2.35 -17.64 21.03
N ASP B 98 3.51 -17.75 20.39
CA ASP B 98 4.04 -18.98 19.80
C ASP B 98 3.18 -19.54 18.67
N PRO B 99 2.94 -18.76 17.62
CA PRO B 99 2.09 -19.19 16.51
C PRO B 99 2.86 -20.11 15.57
N ASP B 100 2.24 -20.65 14.50
CA ASP B 100 2.98 -21.47 13.54
C ASP B 100 3.74 -20.67 12.51
N VAL B 101 3.17 -19.54 12.11
CA VAL B 101 3.70 -18.73 11.03
C VAL B 101 3.72 -17.26 11.41
N ILE B 102 4.81 -16.57 11.09
CA ILE B 102 4.94 -15.15 11.42
C ILE B 102 5.35 -14.39 10.17
N PHE B 103 4.64 -13.29 9.91
CA PHE B 103 5.05 -12.44 8.78
C PHE B 103 5.52 -11.10 9.34
N VAL B 104 6.81 -10.86 9.24
CA VAL B 104 7.40 -9.55 9.55
C VAL B 104 7.53 -8.74 8.27
N GLY B 105 6.69 -7.70 8.21
CA GLY B 105 6.55 -6.79 7.07
C GLY B 105 7.86 -6.48 6.40
N GLU B 106 8.89 -6.27 7.26
CA GLU B 106 10.17 -5.99 6.62
C GLU B 106 11.27 -6.21 7.63
N ARG B 108 14.86 -5.18 7.90
CA ARG B 108 15.94 -4.37 7.39
C ARG B 108 16.71 -3.58 8.42
N ASP B 109 16.71 -4.01 9.67
CA ASP B 109 17.58 -3.50 10.72
C ASP B 109 18.02 -4.67 11.63
N LEU B 110 19.09 -4.44 12.37
CA LEU B 110 19.76 -5.49 13.14
C LEU B 110 18.88 -6.17 14.17
N GLU B 111 18.15 -5.46 15.01
CA GLU B 111 17.39 -6.16 16.03
C GLU B 111 16.27 -7.00 15.45
N THR B 112 15.74 -6.65 14.28
CA THR B 112 14.62 -7.40 13.76
C THR B 112 15.17 -8.70 13.16
N VAL B 113 16.31 -8.55 12.51
CA VAL B 113 16.98 -9.71 11.90
C VAL B 113 17.37 -10.71 12.97
N GLU B 114 17.96 -10.23 14.05
CA GLU B 114 18.31 -11.09 15.18
C GLU B 114 17.12 -11.86 15.72
N THR B 115 15.98 -11.17 15.85
CA THR B 115 14.76 -11.78 16.38
C THR B 115 14.24 -12.80 15.39
N ALA B 116 14.24 -12.45 14.11
CA ALA B 116 13.80 -13.37 13.07
C ALA B 116 14.60 -14.67 13.07
N LEU B 117 15.90 -14.57 13.34
CA LEU B 117 16.76 -15.74 13.40
C LEU B 117 16.38 -16.67 14.55
N ARG B 118 16.17 -16.11 15.72
CA ARG B 118 15.70 -16.88 16.87
C ARG B 118 14.29 -17.41 16.65
N ALA B 119 13.42 -16.66 16.00
CA ALA B 119 12.08 -17.22 15.76
C ALA B 119 12.17 -18.46 14.89
N ALA B 120 13.07 -18.34 13.90
CA ALA B 120 13.24 -19.39 12.91
C ALA B 120 13.87 -20.62 13.55
N GLU B 121 14.85 -20.29 14.39
CA GLU B 121 15.65 -21.27 15.11
C GLU B 121 14.81 -22.11 16.08
N THR B 122 13.77 -21.51 16.63
CA THR B 122 13.01 -22.08 17.74
C THR B 122 11.70 -22.67 17.25
N GLY B 123 11.55 -22.86 15.93
CA GLY B 123 10.43 -23.69 15.51
C GLY B 123 9.29 -22.95 14.88
N HIS B 124 9.55 -21.79 14.29
CA HIS B 124 8.48 -21.03 13.65
C HIS B 124 8.79 -20.82 12.18
N LEU B 125 7.78 -20.74 11.33
CA LEU B 125 8.02 -20.44 9.91
C LEU B 125 7.85 -18.93 9.73
N VAL B 126 8.95 -18.26 9.41
CA VAL B 126 8.97 -16.79 9.36
C VAL B 126 9.12 -16.23 7.96
N PHE B 127 8.27 -15.26 7.61
CA PHE B 127 8.41 -14.61 6.33
C PHE B 127 8.85 -13.15 6.55
N GLY B 128 9.65 -12.62 5.63
CA GLY B 128 10.12 -11.26 5.82
C GLY B 128 10.52 -10.68 4.48
N THR B 129 10.65 -9.35 4.42
CA THR B 129 11.09 -8.73 3.20
C THR B 129 12.29 -7.82 3.51
N LEU B 130 13.13 -7.64 2.51
CA LEU B 130 14.30 -6.77 2.50
C LEU B 130 14.41 -6.10 1.14
N HIS B 131 15.30 -5.13 1.03
CA HIS B 131 15.51 -4.33 -0.17
C HIS B 131 16.69 -4.80 -1.01
N THR B 132 17.29 -5.93 -0.65
CA THR B 132 18.40 -6.42 -1.46
C THR B 132 17.94 -6.93 -2.82
N ASN B 133 18.85 -6.76 -3.80
CA ASN B 133 18.54 -7.01 -5.18
C ASN B 133 18.63 -8.48 -5.57
N THR B 134 19.53 -9.23 -4.95
CA THR B 134 19.64 -10.64 -5.31
C THR B 134 19.78 -11.52 -4.08
N ALA B 135 19.68 -12.82 -4.32
CA ALA B 135 19.78 -13.79 -3.25
C ALA B 135 21.16 -13.75 -2.59
N ILE B 136 22.20 -13.58 -3.40
CA ILE B 136 23.54 -13.64 -2.81
C ILE B 136 23.84 -12.38 -2.01
N ASP B 137 23.44 -11.26 -2.61
CA ASP B 137 23.45 -9.98 -1.93
C ASP B 137 22.79 -10.10 -0.57
N THR B 138 21.61 -10.72 -0.57
CA THR B 138 20.81 -10.89 0.65
C THR B 138 21.54 -11.67 1.72
N ILE B 139 22.17 -12.78 1.31
CA ILE B 139 22.75 -13.53 2.44
C ILE B 139 23.95 -12.74 2.94
N HIS B 140 24.66 -12.11 2.02
CA HIS B 140 25.80 -11.27 2.35
C HIS B 140 25.45 -10.09 3.23
N ARG B 141 24.39 -9.32 2.97
CA ARG B 141 23.96 -8.30 3.93
C ARG B 141 23.52 -8.82 5.29
N ILE B 142 22.80 -9.93 5.39
CA ILE B 142 22.33 -10.40 6.70
C ILE B 142 23.49 -10.70 7.64
N VAL B 143 24.54 -11.23 7.02
CA VAL B 143 25.73 -11.63 7.79
C VAL B 143 26.57 -10.40 8.10
N ASP B 144 26.81 -9.61 7.05
CA ASP B 144 27.75 -8.50 7.17
C ASP B 144 27.26 -7.40 8.11
N ILE B 145 26.03 -7.49 8.61
CA ILE B 145 25.54 -6.42 9.49
C ILE B 145 25.93 -6.68 10.94
N PHE B 146 26.23 -7.93 11.26
CA PHE B 146 26.67 -8.26 12.62
C PHE B 146 28.13 -7.98 12.88
N PRO B 147 28.49 -7.73 14.14
CA PRO B 147 29.90 -7.69 14.51
C PRO B 147 30.61 -8.96 14.02
N LEU B 148 31.78 -8.75 13.47
CA LEU B 148 32.63 -9.73 12.84
C LEU B 148 32.70 -11.02 13.66
N ASN B 149 32.73 -10.85 14.98
CA ASN B 149 32.81 -11.95 15.92
C ASN B 149 31.56 -12.81 15.90
N GLN B 150 30.44 -12.21 15.51
CA GLN B 150 29.19 -12.96 15.49
C GLN B 150 28.90 -13.55 14.11
N GLN B 151 29.64 -13.15 13.08
CA GLN B 151 29.22 -13.44 11.72
C GLN B 151 29.29 -14.92 11.36
N GLU B 152 30.22 -15.61 12.01
CA GLU B 152 30.43 -17.01 11.64
C GLU B 152 29.25 -17.82 12.16
N GLN B 153 28.75 -17.43 13.32
CA GLN B 153 27.60 -18.08 13.95
C GLN B 153 26.34 -17.87 13.13
N VAL B 154 26.15 -16.59 12.78
CA VAL B 154 24.97 -16.26 11.99
C VAL B 154 24.96 -16.98 10.66
N ARG B 155 26.09 -17.03 9.98
CA ARG B 155 26.23 -17.64 8.69
C ARG B 155 25.84 -19.12 8.68
N ILE B 156 26.40 -19.83 9.64
CA ILE B 156 26.10 -21.27 9.83
C ILE B 156 24.66 -21.43 10.31
N VAL B 157 24.10 -20.60 11.18
CA VAL B 157 22.69 -20.72 11.54
C VAL B 157 21.81 -20.48 10.32
N LEU B 158 22.24 -19.61 9.41
CA LEU B 158 21.39 -19.33 8.23
C LEU B 158 21.38 -20.50 7.29
N SER B 159 22.52 -21.18 7.15
CA SER B 159 22.62 -22.37 6.30
C SER B 159 21.67 -23.48 6.71
N PHE B 160 21.28 -23.50 7.98
CA PHE B 160 20.24 -24.39 8.43
C PHE B 160 18.82 -23.87 8.28
N ILE B 161 18.59 -22.59 8.59
CA ILE B 161 17.20 -22.15 8.72
C ILE B 161 16.72 -21.49 7.44
N LEU B 162 17.61 -21.15 6.52
CA LEU B 162 17.07 -20.49 5.31
C LEU B 162 16.33 -21.44 4.40
N GLN B 163 15.05 -21.15 4.11
CA GLN B 163 14.26 -22.06 3.29
C GLN B 163 14.20 -21.58 1.86
N GLY B 164 14.09 -20.25 1.65
CA GLY B 164 14.13 -19.83 0.24
C GLY B 164 14.38 -18.31 0.24
N ILE B 165 14.95 -17.82 -0.85
CA ILE B 165 15.10 -16.39 -1.06
C ILE B 165 14.45 -16.05 -2.40
N ILE B 166 13.47 -15.17 -2.46
CA ILE B 166 12.97 -14.84 -3.82
C ILE B 166 13.23 -13.37 -4.08
N SER B 167 14.00 -13.02 -5.09
CA SER B 167 14.34 -11.68 -5.50
C SER B 167 13.29 -11.25 -6.53
N GLN B 168 12.76 -10.05 -6.46
CA GLN B 168 11.72 -9.67 -7.41
C GLN B 168 11.97 -8.35 -8.11
N ARG B 169 11.55 -8.25 -9.35
CA ARG B 169 11.47 -6.95 -10.02
C ARG B 169 10.21 -7.02 -10.86
N LEU B 170 9.39 -5.97 -10.88
CA LEU B 170 8.30 -6.06 -11.86
C LEU B 170 8.67 -5.18 -13.05
N LEU B 171 8.55 -5.67 -14.27
CA LEU B 171 8.88 -4.81 -15.39
C LEU B 171 7.61 -4.49 -16.20
N PRO B 172 7.69 -3.51 -17.09
CA PRO B 172 6.67 -3.37 -18.12
C PRO B 172 6.64 -4.58 -19.03
N LYS B 173 5.46 -4.98 -19.51
CA LYS B 173 5.33 -6.03 -20.50
C LYS B 173 4.57 -5.51 -21.73
N ILE B 174 4.52 -6.35 -22.75
CA ILE B 174 3.61 -6.41 -23.86
C ILE B 174 2.88 -7.77 -23.82
N GLY B 175 1.57 -7.71 -23.85
CA GLY B 175 0.72 -8.90 -23.71
C GLY B 175 0.11 -8.87 -22.31
N GLY B 176 -0.55 -7.75 -22.08
CA GLY B 176 -1.00 -7.20 -20.82
C GLY B 176 -0.10 -6.02 -20.47
N GLY B 177 0.17 -5.77 -19.20
CA GLY B 177 1.04 -4.67 -18.88
C GLY B 177 2.20 -4.95 -17.97
N ARG B 178 2.21 -6.02 -17.19
CA ARG B 178 3.32 -6.22 -16.24
C ARG B 178 3.85 -7.66 -16.31
N VAL B 179 5.13 -7.82 -16.00
CA VAL B 179 5.62 -9.17 -15.77
C VAL B 179 6.63 -9.15 -14.62
N LEU B 180 6.63 -10.23 -13.86
CA LEU B 180 7.48 -10.42 -12.70
C LEU B 180 8.80 -11.06 -13.10
N ALA B 181 9.91 -10.38 -12.88
CA ALA B 181 11.22 -10.99 -13.09
C ALA B 181 11.73 -11.50 -11.74
N TYR B 182 12.39 -12.63 -11.63
CA TYR B 182 12.78 -13.11 -10.29
C TYR B 182 14.07 -13.93 -10.33
N GLY B 183 14.71 -14.00 -9.18
CA GLY B 183 15.82 -14.82 -8.77
C GLY B 183 15.27 -15.79 -7.73
N LEU B 184 15.67 -17.05 -7.73
CA LEU B 184 15.16 -18.02 -6.78
C LEU B 184 16.31 -18.88 -6.26
N LEU B 185 16.39 -19.03 -4.96
CA LEU B 185 17.39 -19.84 -4.26
C LEU B 185 16.68 -20.59 -3.14
N ILE B 186 16.44 -21.86 -3.43
CA ILE B 186 15.88 -22.74 -2.41
C ILE B 186 16.95 -23.76 -2.05
N PRO B 187 17.64 -23.58 -0.94
CA PRO B 187 18.86 -24.37 -0.73
C PRO B 187 18.56 -25.86 -0.72
N ASN B 188 19.48 -26.63 -1.27
CA ASN B 188 19.44 -28.09 -1.17
C ASN B 188 20.65 -28.47 -0.32
N THR B 189 20.93 -29.73 -0.07
CA THR B 189 22.04 -30.03 0.86
C THR B 189 23.36 -29.42 0.43
N ALA B 190 23.68 -29.50 -0.85
CA ALA B 190 24.92 -28.92 -1.35
C ALA B 190 25.01 -27.41 -1.19
N ILE B 191 23.92 -26.68 -1.33
CA ILE B 191 23.94 -25.23 -1.08
C ILE B 191 24.07 -24.87 0.38
N ARG B 192 23.47 -25.61 1.32
CA ARG B 192 23.66 -25.28 2.74
C ARG B 192 25.13 -25.41 3.10
N ASN B 193 25.77 -26.48 2.64
CA ASN B 193 27.17 -26.76 2.86
C ASN B 193 28.13 -25.66 2.40
N LEU B 194 27.91 -25.16 1.21
CA LEU B 194 28.51 -24.00 0.58
C LEU B 194 28.28 -22.75 1.40
N ILE B 195 27.03 -22.50 1.77
CA ILE B 195 26.75 -21.34 2.61
C ILE B 195 27.51 -21.40 3.93
N ARG B 196 27.46 -22.55 4.59
CA ARG B 196 28.25 -22.83 5.79
C ARG B 196 29.71 -22.44 5.69
N GLU B 197 30.35 -22.76 4.56
CA GLU B 197 31.77 -22.43 4.38
C GLU B 197 31.96 -21.10 3.69
N ASN B 198 30.91 -20.29 3.57
CA ASN B 198 31.08 -18.99 2.88
C ASN B 198 31.53 -19.12 1.44
N LYS B 199 31.01 -20.09 0.70
CA LYS B 199 31.45 -20.27 -0.68
C LYS B 199 30.35 -19.80 -1.64
N LEU B 200 30.08 -18.50 -1.64
CA LEU B 200 29.01 -17.88 -2.42
C LEU B 200 29.18 -17.94 -3.92
N GLN B 201 30.38 -17.88 -4.48
CA GLN B 201 30.51 -17.87 -5.93
C GLN B 201 30.00 -19.18 -6.51
N GLN B 202 30.21 -20.20 -5.66
CA GLN B 202 29.75 -21.54 -6.05
C GLN B 202 28.26 -21.63 -5.80
N VAL B 203 27.77 -20.79 -4.88
CA VAL B 203 26.31 -20.87 -4.70
C VAL B 203 25.69 -20.32 -5.99
N TYR B 204 26.24 -19.22 -6.47
CA TYR B 204 25.74 -18.59 -7.69
C TYR B 204 25.88 -19.47 -8.90
N SER B 205 26.98 -20.21 -9.09
CA SER B 205 27.08 -21.12 -10.23
C SER B 205 26.12 -22.30 -10.18
N LEU B 206 25.75 -22.75 -8.97
CA LEU B 206 24.75 -23.80 -8.84
C LEU B 206 23.38 -23.23 -9.15
N GLN B 208 22.91 -20.98 -11.31
CA GLN B 208 22.68 -21.02 -12.76
C GLN B 208 22.66 -22.45 -13.29
N SER B 209 23.41 -23.40 -12.75
CA SER B 209 23.27 -24.77 -13.24
C SER B 209 21.85 -25.32 -13.13
N GLY B 210 20.99 -24.73 -12.30
CA GLY B 210 19.61 -25.21 -12.22
C GLY B 210 18.71 -24.43 -13.13
N GLN B 211 17.44 -24.85 -13.29
CA GLN B 211 16.61 -24.05 -14.20
C GLN B 211 15.83 -23.02 -13.37
N ALA B 212 14.57 -23.30 -13.12
CA ALA B 212 13.66 -22.47 -12.34
C ALA B 212 12.87 -23.31 -11.35
N GLU B 213 12.36 -24.44 -11.85
CA GLU B 213 11.64 -25.36 -10.96
C GLU B 213 12.45 -26.63 -10.74
N THR B 214 13.16 -26.60 -9.66
CA THR B 214 14.18 -27.25 -8.88
C THR B 214 14.75 -26.20 -7.92
N GLY B 215 14.15 -25.02 -8.08
CA GLY B 215 14.68 -23.82 -7.43
C GLY B 215 15.85 -23.40 -8.34
N GLN B 217 17.48 -20.39 -9.86
CA GLN B 217 17.41 -19.58 -11.08
C GLN B 217 17.92 -18.18 -10.81
N THR B 218 18.84 -17.66 -11.65
CA THR B 218 19.31 -16.32 -11.34
C THR B 218 18.39 -15.29 -12.00
N ASN B 220 19.33 -12.80 -13.80
CA ASN B 220 19.69 -12.65 -15.21
C ASN B 220 19.09 -13.80 -16.00
N GLN B 221 19.08 -15.01 -15.41
CA GLN B 221 18.51 -16.10 -16.20
C GLN B 221 17.04 -15.86 -16.47
N THR B 222 16.32 -15.31 -15.50
CA THR B 222 14.89 -15.07 -15.75
C THR B 222 14.64 -13.90 -16.71
N LEU B 223 15.46 -12.86 -16.66
CA LEU B 223 15.36 -11.71 -17.56
C LEU B 223 15.62 -12.18 -18.98
N TYR B 224 16.69 -12.92 -19.22
CA TYR B 224 16.86 -13.61 -20.50
C TYR B 224 15.61 -14.31 -21.01
N LYS B 225 14.98 -15.18 -20.21
CA LYS B 225 13.83 -15.90 -20.75
C LYS B 225 12.71 -14.93 -21.12
N LEU B 226 12.37 -13.95 -20.26
CA LEU B 226 11.22 -13.11 -20.61
C LEU B 226 11.53 -12.33 -21.87
N TYR B 227 12.82 -12.05 -22.05
CA TYR B 227 13.25 -11.37 -23.28
C TYR B 227 13.03 -12.21 -24.53
N LYS B 228 13.46 -13.48 -24.47
CA LYS B 228 13.35 -14.39 -25.59
C LYS B 228 11.95 -14.87 -25.86
N GLN B 229 11.04 -14.69 -24.90
CA GLN B 229 9.64 -15.00 -25.14
C GLN B 229 8.95 -13.82 -25.79
N GLY B 230 9.63 -12.66 -25.81
CA GLY B 230 9.12 -11.41 -26.34
C GLY B 230 8.29 -10.64 -25.35
N LEU B 231 8.49 -10.83 -24.04
CA LEU B 231 7.57 -10.15 -23.13
C LEU B 231 8.09 -8.84 -22.60
N ILE B 232 9.39 -8.59 -22.75
CA ILE B 232 9.98 -7.37 -22.23
C ILE B 232 11.00 -6.86 -23.25
N THR B 233 11.25 -5.57 -23.24
CA THR B 233 12.23 -4.93 -24.10
C THR B 233 13.65 -5.26 -23.63
N LEU B 234 14.62 -5.21 -24.55
CA LEU B 234 15.97 -5.50 -24.09
C LEU B 234 16.44 -4.40 -23.15
N GLU B 235 15.90 -3.20 -23.39
CA GLU B 235 16.28 -2.06 -22.58
C GLU B 235 15.79 -2.19 -21.14
N ASP B 236 14.63 -2.83 -20.98
CA ASP B 236 14.07 -2.99 -19.64
C ASP B 236 14.72 -4.19 -18.95
N ALA B 237 15.26 -5.14 -19.68
CA ALA B 237 15.98 -6.27 -19.08
C ALA B 237 17.31 -5.80 -18.51
N GLU B 239 18.10 -2.76 -17.72
CA GLU B 239 18.10 -1.90 -16.52
C GLU B 239 17.76 -2.66 -15.24
N ALA B 240 17.03 -3.77 -15.28
CA ALA B 240 16.72 -4.55 -14.08
C ALA B 240 17.83 -5.52 -13.71
N SER B 241 18.75 -5.82 -14.64
CA SER B 241 19.82 -6.75 -14.33
C SER B 241 20.75 -6.30 -13.22
N PRO B 242 21.01 -7.22 -12.28
CA PRO B 242 21.95 -6.91 -11.20
C PRO B 242 23.39 -6.91 -11.71
N ASP B 243 23.53 -7.37 -12.95
CA ASP B 243 24.79 -7.55 -13.63
C ASP B 243 24.62 -7.62 -15.14
N PRO B 244 24.40 -6.49 -15.82
CA PRO B 244 24.15 -6.49 -17.26
C PRO B 244 25.34 -6.90 -18.12
N LYS B 245 26.55 -6.68 -17.63
CA LYS B 245 27.70 -7.31 -18.29
C LYS B 245 27.48 -8.80 -18.46
N GLU B 246 26.96 -9.52 -17.46
CA GLU B 246 26.69 -10.95 -17.66
C GLU B 246 25.51 -11.18 -18.59
N LEU B 247 24.48 -10.33 -18.54
CA LEU B 247 23.32 -10.53 -19.40
C LEU B 247 23.64 -10.41 -20.90
N GLU B 248 24.48 -9.46 -21.23
CA GLU B 248 24.94 -9.23 -22.59
C GLU B 248 25.67 -10.49 -23.10
N ARG B 249 26.50 -11.10 -22.27
CA ARG B 249 27.20 -12.34 -22.61
C ARG B 249 26.23 -13.43 -23.01
N ILE B 251 23.04 -13.18 -23.94
CA ILE B 251 22.12 -12.99 -25.06
C ILE B 251 22.72 -13.43 -26.39
N ARG B 252 24.00 -13.16 -26.57
CA ARG B 252 24.82 -13.52 -27.71
C ARG B 252 24.95 -15.03 -27.90
#